data_3STT
#
_entry.id   3STT
#
_cell.length_a   48.179
_cell.length_b   105.454
_cell.length_c   59.836
_cell.angle_alpha   90.00
_cell.angle_beta   96.53
_cell.angle_gamma   90.00
#
_symmetry.space_group_name_H-M   'P 1 21 1'
#
loop_
_entity.id
_entity.type
_entity.pdbx_description
1 polymer 'Methylketone synthase I'
2 non-polymer 'DECANOIC ACID'
3 water water
#
_entity_poly.entity_id   1
_entity_poly.type   'polypeptide(L)'
_entity_poly.pdbx_seq_one_letter_code
;GSMEKSMSPFVKKHFVLVHTAFHGAWCWYKIVALMRSSGHNVTALDLGASGINPKQALQIPNFSDYLSPLMEFMASLPAN
EKIILVGHALGGLAISKAMETFPEKISVAVFLSGLMPGPNIDATTVCTKAGSAVLGQLDNCVTYENGPTNPPTTLIAGPK
FLATNVYHLSPIEDLALATALVRPLYLYLAEDISKEVVLSSKRYGSVKRVFIVATENDALKKEFLKLMIEKNPPDEVKEI
EGSDHVTMMSKPQQLFTTLLSIANKYK
;
_entity_poly.pdbx_strand_id   A,B
#
loop_
_chem_comp.id
_chem_comp.type
_chem_comp.name
_chem_comp.formula
DKA non-polymer 'DECANOIC ACID' 'C10 H20 O2'
#
# COMPACT_ATOMS: atom_id res chain seq x y z
N PHE A 10 20.18 -12.00 23.68
CA PHE A 10 19.55 -11.29 22.52
C PHE A 10 20.57 -10.81 21.50
N VAL A 11 20.61 -11.46 20.34
CA VAL A 11 21.53 -11.03 19.29
C VAL A 11 20.66 -10.47 18.16
N LYS A 12 21.00 -9.28 17.69
CA LYS A 12 20.25 -8.61 16.63
C LYS A 12 20.39 -9.36 15.30
N LYS A 13 19.25 -9.58 14.65
CA LYS A 13 19.24 -10.28 13.37
C LYS A 13 18.61 -9.42 12.29
N HIS A 14 18.84 -9.80 11.03
CA HIS A 14 18.30 -9.05 9.92
C HIS A 14 17.39 -9.94 9.06
N PHE A 15 16.09 -9.67 9.13
CA PHE A 15 15.12 -10.44 8.36
C PHE A 15 14.82 -9.68 7.07
N VAL A 16 14.78 -10.42 5.96
CA VAL A 16 14.48 -9.84 4.66
C VAL A 16 13.23 -10.57 4.16
N LEU A 17 12.14 -9.82 4.01
CA LEU A 17 10.86 -10.38 3.62
C LEU A 17 10.51 -10.17 2.14
N VAL A 18 10.14 -11.25 1.46
CA VAL A 18 9.78 -11.20 0.05
C VAL A 18 8.37 -11.73 -0.19
N HIS A 19 7.49 -10.86 -0.66
CA HIS A 19 6.10 -11.17 -0.92
C HIS A 19 5.81 -12.09 -2.10
N THR A 20 4.53 -12.36 -2.31
CA THR A 20 4.09 -13.22 -3.40
C THR A 20 3.45 -12.38 -4.53
N ALA A 21 2.84 -13.03 -5.51
CA ALA A 21 2.23 -12.28 -6.62
C ALA A 21 1.18 -11.26 -6.18
N PHE A 22 1.11 -10.16 -6.92
CA PHE A 22 0.15 -9.09 -6.69
C PHE A 22 0.44 -8.26 -5.45
N HIS A 23 1.29 -8.78 -4.55
CA HIS A 23 1.55 -8.04 -3.33
C HIS A 23 2.80 -7.17 -3.33
N GLY A 24 3.23 -6.78 -2.14
CA GLY A 24 4.41 -5.93 -1.99
C GLY A 24 4.87 -5.92 -0.55
N ALA A 25 5.89 -5.12 -0.26
CA ALA A 25 6.44 -5.01 1.08
C ALA A 25 5.35 -4.69 2.10
N TRP A 26 4.35 -3.93 1.67
CA TRP A 26 3.24 -3.54 2.53
C TRP A 26 2.49 -4.69 3.23
N CYS A 27 2.42 -5.86 2.60
CA CYS A 27 1.67 -6.96 3.19
C CYS A 27 2.31 -7.49 4.47
N TRP A 28 3.58 -7.17 4.68
CA TRP A 28 4.28 -7.63 5.88
C TRP A 28 4.24 -6.60 7.01
N TYR A 29 3.42 -5.55 6.87
CA TYR A 29 3.41 -4.50 7.89
C TYR A 29 3.30 -4.93 9.34
N LYS A 30 2.49 -5.95 9.64
CA LYS A 30 2.36 -6.38 11.03
C LYS A 30 3.63 -7.04 11.50
N ILE A 31 4.26 -7.80 10.59
CA ILE A 31 5.49 -8.50 10.91
C ILE A 31 6.63 -7.50 11.07
N VAL A 32 6.72 -6.57 10.12
CA VAL A 32 7.75 -5.55 10.18
C VAL A 32 7.65 -4.81 11.52
N ALA A 33 6.43 -4.47 11.93
CA ALA A 33 6.22 -3.75 13.18
C ALA A 33 6.72 -4.54 14.40
N LEU A 34 6.42 -5.83 14.44
CA LEU A 34 6.84 -6.67 15.56
C LEU A 34 8.35 -6.84 15.61
N MET A 35 9.00 -6.87 14.45
CA MET A 35 10.45 -7.02 14.42
C MET A 35 11.18 -5.76 14.84
N ARG A 36 10.69 -4.61 14.40
CA ARG A 36 11.34 -3.34 14.76
C ARG A 36 11.22 -3.00 16.24
N SER A 37 10.06 -3.26 16.83
CA SER A 37 9.89 -2.95 18.24
C SER A 37 10.62 -3.93 19.14
N SER A 38 10.88 -5.15 18.64
CA SER A 38 11.61 -6.12 19.44
C SER A 38 13.12 -5.97 19.24
N GLY A 39 13.52 -4.94 18.49
CA GLY A 39 14.94 -4.68 18.28
C GLY A 39 15.67 -5.21 17.05
N HIS A 40 15.02 -6.01 16.22
CA HIS A 40 15.68 -6.53 15.03
C HIS A 40 15.56 -5.64 13.81
N ASN A 41 16.41 -5.89 12.82
CA ASN A 41 16.38 -5.15 11.57
C ASN A 41 15.56 -5.96 10.61
N VAL A 42 14.78 -5.29 9.77
CA VAL A 42 13.97 -6.01 8.81
C VAL A 42 13.82 -5.21 7.54
N THR A 43 14.01 -5.89 6.42
CA THR A 43 13.88 -5.26 5.12
C THR A 43 12.76 -5.98 4.39
N ALA A 44 11.68 -5.25 4.11
CA ALA A 44 10.54 -5.80 3.37
C ALA A 44 10.70 -5.16 1.99
N LEU A 45 10.97 -5.99 0.99
CA LEU A 45 11.18 -5.50 -0.37
C LEU A 45 9.99 -5.58 -1.30
N ASP A 46 9.95 -4.66 -2.27
CA ASP A 46 8.92 -4.66 -3.30
C ASP A 46 9.65 -5.25 -4.51
N LEU A 47 9.13 -6.32 -5.09
CA LEU A 47 9.76 -6.87 -6.27
C LEU A 47 9.31 -5.99 -7.44
N GLY A 48 9.75 -6.33 -8.65
CA GLY A 48 9.36 -5.52 -9.80
C GLY A 48 7.87 -5.29 -9.96
N ALA A 49 7.50 -4.05 -10.25
CA ALA A 49 6.11 -3.65 -10.45
C ALA A 49 5.19 -4.13 -9.32
N SER A 50 5.71 -4.12 -8.10
CA SER A 50 4.96 -4.54 -6.92
C SER A 50 4.97 -3.41 -5.89
N GLY A 51 3.92 -3.30 -5.10
CA GLY A 51 3.88 -2.24 -4.11
C GLY A 51 4.12 -0.90 -4.78
N ILE A 52 5.11 -0.16 -4.30
CA ILE A 52 5.41 1.13 -4.89
C ILE A 52 6.65 1.10 -5.78
N ASN A 53 7.04 -0.07 -6.24
CA ASN A 53 8.17 -0.16 -7.16
C ASN A 53 7.69 0.65 -8.37
N PRO A 54 8.56 1.51 -8.93
CA PRO A 54 8.25 2.37 -10.08
C PRO A 54 7.94 1.70 -11.42
N LYS A 55 8.35 0.44 -11.59
CA LYS A 55 8.09 -0.28 -12.83
C LYS A 55 6.63 -0.70 -12.98
N GLN A 56 6.13 -0.68 -14.21
CA GLN A 56 4.78 -1.15 -14.49
C GLN A 56 5.01 -2.57 -15.03
N ALA A 57 4.03 -3.46 -14.88
CA ALA A 57 4.19 -4.85 -15.33
C ALA A 57 4.72 -5.02 -16.75
N LEU A 58 4.18 -4.24 -17.68
CA LEU A 58 4.59 -4.32 -19.07
C LEU A 58 6.06 -3.97 -19.28
N GLN A 59 6.64 -3.25 -18.33
CA GLN A 59 8.05 -2.86 -18.43
C GLN A 59 9.02 -3.94 -17.93
N ILE A 60 8.49 -4.96 -17.28
CA ILE A 60 9.34 -6.03 -16.77
C ILE A 60 8.90 -7.42 -17.25
N PRO A 61 8.98 -7.67 -18.57
CA PRO A 61 8.59 -8.94 -19.20
C PRO A 61 9.51 -10.14 -18.95
N ASN A 62 10.69 -9.89 -18.38
CA ASN A 62 11.64 -10.95 -18.08
C ASN A 62 11.64 -11.19 -16.57
N PHE A 63 11.65 -12.45 -16.17
CA PHE A 63 11.62 -12.80 -14.76
C PHE A 63 12.75 -12.13 -13.97
N SER A 64 13.91 -11.98 -14.61
CA SER A 64 15.04 -11.34 -13.94
C SER A 64 14.68 -9.89 -13.61
N ASP A 65 13.79 -9.30 -14.39
CA ASP A 65 13.36 -7.91 -14.14
C ASP A 65 12.55 -7.92 -12.84
N TYR A 66 11.70 -8.93 -12.67
CA TYR A 66 10.86 -9.05 -11.49
C TYR A 66 11.72 -9.27 -10.24
N LEU A 67 12.77 -10.08 -10.36
CA LEU A 67 13.64 -10.37 -9.22
C LEU A 67 14.67 -9.29 -8.92
N SER A 68 14.82 -8.35 -9.84
CA SER A 68 15.80 -7.27 -9.70
C SER A 68 15.97 -6.62 -8.32
N PRO A 69 14.86 -6.18 -7.69
CA PRO A 69 15.00 -5.55 -6.37
C PRO A 69 15.66 -6.42 -5.31
N LEU A 70 15.43 -7.72 -5.36
CA LEU A 70 16.02 -8.62 -4.38
C LEU A 70 17.48 -8.89 -4.69
N MET A 71 17.79 -9.07 -5.97
CA MET A 71 19.15 -9.34 -6.35
C MET A 71 20.03 -8.12 -6.13
N GLU A 72 19.51 -6.93 -6.41
CA GLU A 72 20.26 -5.71 -6.16
C GLU A 72 20.53 -5.59 -4.67
N PHE A 73 19.49 -5.86 -3.87
CA PHE A 73 19.63 -5.78 -2.42
C PHE A 73 20.70 -6.74 -1.93
N MET A 74 20.61 -7.98 -2.38
CA MET A 74 21.58 -9.00 -1.99
C MET A 74 23.00 -8.60 -2.35
N ALA A 75 23.18 -8.02 -3.53
CA ALA A 75 24.51 -7.60 -3.97
C ALA A 75 25.09 -6.47 -3.13
N SER A 76 24.22 -5.62 -2.59
CA SER A 76 24.65 -4.49 -1.77
C SER A 76 25.08 -4.90 -0.37
N LEU A 77 24.86 -6.17 -0.03
CA LEU A 77 25.21 -6.69 1.29
C LEU A 77 26.64 -7.16 1.50
N PRO A 78 27.37 -6.54 2.45
CA PRO A 78 28.74 -7.00 2.66
C PRO A 78 28.55 -8.46 3.13
N ALA A 79 29.41 -9.35 2.67
CA ALA A 79 29.31 -10.77 3.00
C ALA A 79 29.24 -11.13 4.49
N ASN A 80 29.70 -10.23 5.36
CA ASN A 80 29.67 -10.52 6.79
C ASN A 80 28.29 -10.28 7.42
N GLU A 81 27.46 -9.52 6.73
CA GLU A 81 26.12 -9.20 7.23
C GLU A 81 25.08 -10.22 6.76
N LYS A 82 25.02 -11.35 7.46
CA LYS A 82 24.09 -12.43 7.12
C LYS A 82 22.64 -12.06 7.41
N ILE A 83 21.72 -12.70 6.69
CA ILE A 83 20.29 -12.43 6.86
C ILE A 83 19.46 -13.70 6.90
N ILE A 84 18.22 -13.55 7.38
CA ILE A 84 17.24 -14.63 7.40
C ILE A 84 16.35 -14.23 6.22
N LEU A 85 16.40 -14.99 5.14
CA LEU A 85 15.61 -14.66 3.96
C LEU A 85 14.28 -15.39 3.92
N VAL A 86 13.18 -14.62 4.00
CA VAL A 86 11.84 -15.20 4.02
C VAL A 86 11.06 -14.95 2.73
N GLY A 87 10.65 -16.05 2.08
CA GLY A 87 9.89 -15.94 0.85
C GLY A 87 8.50 -16.52 0.97
N HIS A 88 7.50 -15.75 0.56
CA HIS A 88 6.11 -16.19 0.63
C HIS A 88 5.55 -16.64 -0.71
N ALA A 89 5.02 -17.87 -0.74
CA ALA A 89 4.45 -18.44 -1.96
C ALA A 89 5.36 -18.22 -3.17
N LEU A 90 4.92 -17.41 -4.14
CA LEU A 90 5.72 -17.14 -5.33
C LEU A 90 7.10 -16.58 -4.97
N GLY A 91 7.16 -15.87 -3.85
CA GLY A 91 8.41 -15.29 -3.40
C GLY A 91 9.46 -16.36 -3.18
N GLY A 92 9.02 -17.62 -3.17
CA GLY A 92 9.95 -18.72 -2.98
C GLY A 92 10.92 -18.81 -4.14
N LEU A 93 10.43 -18.52 -5.34
CA LEU A 93 11.27 -18.56 -6.54
C LEU A 93 12.36 -17.49 -6.44
N ALA A 94 11.96 -16.30 -5.98
CA ALA A 94 12.90 -15.20 -5.83
C ALA A 94 14.00 -15.54 -4.83
N ILE A 95 13.64 -16.01 -3.64
CA ILE A 95 14.67 -16.32 -2.66
C ILE A 95 15.50 -17.54 -3.08
N SER A 96 14.93 -18.40 -3.91
CA SER A 96 15.69 -19.55 -4.39
C SER A 96 16.83 -19.04 -5.28
N LYS A 97 16.52 -18.02 -6.08
CA LYS A 97 17.52 -17.42 -6.96
C LYS A 97 18.58 -16.71 -6.13
N ALA A 98 18.15 -16.04 -5.06
CA ALA A 98 19.08 -15.34 -4.18
C ALA A 98 20.00 -16.35 -3.48
N MET A 99 19.45 -17.53 -3.19
CA MET A 99 20.21 -18.59 -2.52
C MET A 99 21.31 -19.15 -3.41
N GLU A 100 21.00 -19.30 -4.69
CA GLU A 100 21.98 -19.83 -5.64
C GLU A 100 23.10 -18.83 -5.90
N THR A 101 22.73 -17.56 -6.00
CA THR A 101 23.69 -16.51 -6.29
C THR A 101 24.53 -16.04 -5.11
N PHE A 102 23.91 -15.89 -3.95
CA PHE A 102 24.63 -15.43 -2.75
C PHE A 102 24.39 -16.37 -1.58
N PRO A 103 24.76 -17.65 -1.72
CA PRO A 103 24.57 -18.63 -0.64
C PRO A 103 25.15 -18.29 0.72
N GLU A 104 26.35 -17.71 0.73
CA GLU A 104 27.02 -17.38 1.98
C GLU A 104 26.42 -16.23 2.78
N LYS A 105 25.65 -15.37 2.14
CA LYS A 105 25.04 -14.23 2.84
C LYS A 105 23.76 -14.60 3.57
N ILE A 106 23.31 -15.83 3.40
CA ILE A 106 22.08 -16.29 4.02
C ILE A 106 22.27 -17.35 5.09
N SER A 107 21.90 -17.01 6.32
CA SER A 107 22.02 -17.94 7.44
C SER A 107 21.00 -19.05 7.26
N VAL A 108 19.78 -18.67 6.93
CA VAL A 108 18.70 -19.64 6.72
C VAL A 108 17.60 -19.04 5.86
N ALA A 109 17.15 -19.81 4.87
CA ALA A 109 16.08 -19.35 4.00
C ALA A 109 14.79 -20.00 4.48
N VAL A 110 13.73 -19.21 4.57
CA VAL A 110 12.45 -19.72 5.03
C VAL A 110 11.37 -19.60 3.95
N PHE A 111 10.79 -20.73 3.59
CA PHE A 111 9.72 -20.75 2.59
C PHE A 111 8.36 -20.85 3.27
N LEU A 112 7.66 -19.72 3.37
CA LEU A 112 6.34 -19.67 3.98
C LEU A 112 5.36 -20.13 2.90
N SER A 113 5.02 -21.42 2.93
CA SER A 113 4.12 -21.99 1.92
C SER A 113 4.66 -21.54 0.57
N GLY A 114 5.99 -21.47 0.48
CA GLY A 114 6.60 -20.99 -0.75
C GLY A 114 6.91 -22.02 -1.79
N LEU A 115 6.97 -21.57 -3.04
CA LEU A 115 7.32 -22.45 -4.12
C LEU A 115 8.80 -22.73 -3.83
N MET A 116 9.10 -24.00 -3.58
CA MET A 116 10.45 -24.40 -3.22
C MET A 116 11.02 -25.42 -4.21
N PRO A 117 11.30 -24.97 -5.44
CA PRO A 117 11.85 -25.88 -6.45
C PRO A 117 13.25 -26.36 -6.06
N GLY A 118 13.65 -27.50 -6.61
CA GLY A 118 14.96 -28.04 -6.33
C GLY A 118 15.37 -28.93 -7.48
N PRO A 119 16.50 -29.64 -7.36
CA PRO A 119 16.97 -30.52 -8.43
C PRO A 119 15.93 -31.54 -8.93
N ASN A 120 15.16 -32.12 -8.02
CA ASN A 120 14.17 -33.12 -8.39
C ASN A 120 12.75 -32.63 -8.69
N ILE A 121 12.56 -31.32 -8.62
CA ILE A 121 11.26 -30.72 -8.93
C ILE A 121 11.48 -29.30 -9.44
N ASP A 122 11.47 -29.18 -10.77
CA ASP A 122 11.71 -27.92 -11.47
C ASP A 122 10.91 -26.70 -11.07
N ALA A 123 11.46 -25.54 -11.44
CA ALA A 123 10.83 -24.26 -11.17
C ALA A 123 9.57 -24.10 -12.02
N THR A 124 9.62 -24.58 -13.26
CA THR A 124 8.45 -24.48 -14.15
C THR A 124 7.37 -25.42 -13.67
N THR A 125 7.79 -26.52 -13.05
CA THR A 125 6.84 -27.50 -12.54
C THR A 125 5.99 -26.90 -11.41
N VAL A 126 6.65 -26.31 -10.42
CA VAL A 126 5.93 -25.71 -9.30
C VAL A 126 5.14 -24.48 -9.72
N CYS A 127 5.61 -23.80 -10.78
CA CYS A 127 4.94 -22.61 -11.30
C CYS A 127 3.63 -22.96 -11.98
N THR A 128 3.67 -23.93 -12.87
CA THR A 128 2.49 -24.36 -13.60
C THR A 128 1.40 -24.78 -12.63
N LYS A 129 1.81 -25.51 -11.59
CA LYS A 129 0.86 -25.98 -10.60
C LYS A 129 0.31 -24.82 -9.79
N ALA A 130 1.19 -23.92 -9.38
CA ALA A 130 0.76 -22.75 -8.61
C ALA A 130 -0.29 -21.96 -9.39
N GLY A 131 -0.01 -21.70 -10.67
CA GLY A 131 -0.91 -20.93 -11.51
C GLY A 131 -2.30 -21.49 -11.75
N SER A 132 -2.43 -22.82 -11.79
CA SER A 132 -3.72 -23.45 -12.03
C SER A 132 -4.72 -23.03 -10.96
N ALA A 133 -4.19 -22.73 -9.78
CA ALA A 133 -5.02 -22.33 -8.64
C ALA A 133 -5.38 -20.85 -8.67
N VAL A 134 -4.81 -20.10 -9.62
CA VAL A 134 -5.08 -18.67 -9.71
C VAL A 134 -5.69 -18.28 -11.06
N LEU A 135 -5.05 -18.71 -12.15
CA LEU A 135 -5.57 -18.42 -13.48
C LEU A 135 -6.97 -19.00 -13.59
N GLY A 136 -7.90 -18.20 -14.11
CA GLY A 136 -9.26 -18.66 -14.28
C GLY A 136 -10.08 -18.82 -13.00
N GLN A 137 -9.56 -18.36 -11.87
CA GLN A 137 -10.29 -18.48 -10.61
C GLN A 137 -11.19 -17.28 -10.36
N LEU A 138 -12.44 -17.54 -10.02
CA LEU A 138 -13.44 -16.52 -9.75
C LEU A 138 -13.34 -15.29 -10.63
N ASP A 139 -13.18 -14.12 -10.01
CA ASP A 139 -13.10 -12.88 -10.77
C ASP A 139 -11.70 -12.45 -11.21
N ASN A 140 -10.75 -13.38 -11.24
CA ASN A 140 -9.40 -13.05 -11.71
C ASN A 140 -9.49 -12.86 -13.21
N CYS A 141 -8.62 -12.04 -13.78
CA CYS A 141 -8.66 -11.86 -15.23
C CYS A 141 -7.29 -11.56 -15.80
N VAL A 142 -7.15 -11.79 -17.11
CA VAL A 142 -5.88 -11.56 -17.80
C VAL A 142 -6.00 -10.44 -18.83
N THR A 143 -4.86 -9.85 -19.17
CA THR A 143 -4.83 -8.79 -20.16
C THR A 143 -4.04 -9.28 -21.37
N TYR A 144 -4.26 -8.63 -22.51
CA TYR A 144 -3.58 -9.01 -23.73
C TYR A 144 -2.87 -7.84 -24.39
N GLU A 145 -1.95 -7.20 -23.68
CA GLU A 145 -1.25 -6.05 -24.24
C GLU A 145 -0.42 -6.37 -25.48
N ASN A 146 -0.19 -7.66 -25.73
CA ASN A 146 0.59 -8.04 -26.91
C ASN A 146 -0.35 -8.51 -28.01
N GLY A 147 -1.61 -8.10 -27.93
CA GLY A 147 -2.58 -8.49 -28.94
C GLY A 147 -3.32 -9.80 -28.68
N PRO A 148 -4.48 -9.99 -29.31
CA PRO A 148 -5.35 -11.16 -29.22
C PRO A 148 -4.72 -12.50 -29.64
N THR A 149 -3.76 -12.45 -30.56
CA THR A 149 -3.13 -13.66 -31.05
C THR A 149 -1.86 -14.05 -30.30
N ASN A 150 -1.62 -13.43 -29.16
CA ASN A 150 -0.45 -13.75 -28.35
C ASN A 150 -0.91 -14.19 -26.99
N PRO A 151 -0.06 -14.89 -26.24
CA PRO A 151 -0.48 -15.31 -24.91
C PRO A 151 -0.87 -14.10 -24.06
N PRO A 152 -1.71 -14.30 -23.03
CA PRO A 152 -2.10 -13.16 -22.20
C PRO A 152 -0.84 -12.57 -21.56
N THR A 153 -0.85 -11.25 -21.36
CA THR A 153 0.31 -10.58 -20.79
C THR A 153 0.36 -10.44 -19.28
N THR A 154 -0.75 -10.10 -18.64
CA THR A 154 -0.74 -9.98 -17.18
C THR A 154 -1.97 -10.64 -16.56
N LEU A 155 -1.84 -10.94 -15.27
CA LEU A 155 -2.91 -11.56 -14.51
C LEU A 155 -3.28 -10.54 -13.42
N ILE A 156 -4.57 -10.25 -13.29
CA ILE A 156 -5.05 -9.30 -12.30
C ILE A 156 -5.91 -10.02 -11.26
N ALA A 157 -5.53 -9.91 -9.99
CA ALA A 157 -6.30 -10.55 -8.91
C ALA A 157 -7.59 -9.80 -8.63
N GLY A 158 -8.72 -10.52 -8.68
CA GLY A 158 -10.01 -9.90 -8.41
C GLY A 158 -10.35 -9.85 -6.94
N PRO A 159 -11.16 -8.87 -6.51
CA PRO A 159 -11.56 -8.71 -5.11
C PRO A 159 -12.25 -9.94 -4.48
N LYS A 160 -13.08 -10.63 -5.27
CA LYS A 160 -13.76 -11.82 -4.76
C LYS A 160 -12.75 -12.94 -4.58
N PHE A 161 -11.84 -13.10 -5.55
CA PHE A 161 -10.82 -14.13 -5.44
C PHE A 161 -10.02 -13.92 -4.16
N LEU A 162 -9.69 -12.65 -3.89
CA LEU A 162 -8.93 -12.28 -2.71
C LEU A 162 -9.71 -12.59 -1.44
N ALA A 163 -11.00 -12.26 -1.47
CA ALA A 163 -11.86 -12.46 -0.31
C ALA A 163 -12.07 -13.92 0.06
N THR A 164 -12.31 -14.79 -0.93
CA THR A 164 -12.56 -16.19 -0.62
C THR A 164 -11.39 -17.17 -0.73
N ASN A 165 -10.35 -16.81 -1.47
CA ASN A 165 -9.21 -17.72 -1.64
C ASN A 165 -7.91 -17.30 -0.96
N VAL A 166 -7.74 -15.99 -0.72
CA VAL A 166 -6.51 -15.49 -0.12
C VAL A 166 -6.62 -14.96 1.31
N TYR A 167 -7.54 -14.02 1.52
CA TYR A 167 -7.75 -13.40 2.82
C TYR A 167 -8.93 -13.94 3.63
N HIS A 168 -9.41 -15.14 3.30
CA HIS A 168 -10.59 -15.69 3.98
C HIS A 168 -10.52 -15.89 5.50
N LEU A 169 -9.33 -15.78 6.09
CA LEU A 169 -9.20 -15.93 7.54
C LEU A 169 -8.53 -14.72 8.17
N SER A 170 -8.50 -13.60 7.44
CA SER A 170 -7.86 -12.38 7.92
C SER A 170 -8.86 -11.28 8.25
N PRO A 171 -8.45 -10.30 9.07
CA PRO A 171 -9.37 -9.21 9.43
C PRO A 171 -9.90 -8.62 8.12
N ILE A 172 -11.15 -8.19 8.12
CA ILE A 172 -11.73 -7.64 6.90
C ILE A 172 -11.03 -6.38 6.41
N GLU A 173 -10.40 -5.64 7.30
CA GLU A 173 -9.73 -4.42 6.85
C GLU A 173 -8.49 -4.75 6.03
N ASP A 174 -7.90 -5.91 6.27
CA ASP A 174 -6.72 -6.32 5.50
C ASP A 174 -7.13 -6.67 4.08
N LEU A 175 -8.36 -7.14 3.92
CA LEU A 175 -8.88 -7.46 2.61
C LEU A 175 -9.02 -6.15 1.87
N ALA A 176 -9.59 -5.14 2.53
CA ALA A 176 -9.78 -3.82 1.93
C ALA A 176 -8.43 -3.22 1.55
N LEU A 177 -7.46 -3.33 2.46
CA LEU A 177 -6.11 -2.83 2.22
C LEU A 177 -5.54 -3.43 0.94
N ALA A 178 -5.65 -4.75 0.82
CA ALA A 178 -5.16 -5.49 -0.32
C ALA A 178 -5.82 -5.08 -1.64
N THR A 179 -7.15 -4.89 -1.61
CA THR A 179 -7.87 -4.50 -2.80
C THR A 179 -7.44 -3.14 -3.30
N ALA A 180 -6.91 -2.31 -2.40
CA ALA A 180 -6.45 -0.98 -2.79
C ALA A 180 -4.98 -0.99 -3.18
N LEU A 181 -4.32 -2.13 -3.01
CA LEU A 181 -2.89 -2.22 -3.30
C LEU A 181 -2.40 -3.30 -4.25
N VAL A 182 -3.17 -4.37 -4.45
CA VAL A 182 -2.74 -5.43 -5.35
C VAL A 182 -2.49 -4.90 -6.75
N ARG A 183 -1.41 -5.35 -7.37
CA ARG A 183 -1.06 -4.91 -8.71
C ARG A 183 -0.90 -6.11 -9.64
N PRO A 184 -0.99 -5.89 -10.95
CA PRO A 184 -0.87 -6.97 -11.92
C PRO A 184 0.47 -7.71 -11.88
N LEU A 185 0.43 -8.99 -12.22
CA LEU A 185 1.62 -9.82 -12.28
C LEU A 185 1.82 -10.16 -13.76
N TYR A 186 3.01 -9.94 -14.27
CA TYR A 186 3.27 -10.26 -15.67
C TYR A 186 3.30 -11.78 -15.76
N LEU A 187 2.70 -12.34 -16.82
CA LEU A 187 2.68 -13.79 -16.97
C LEU A 187 3.94 -14.32 -17.63
N TYR A 188 4.99 -14.45 -16.82
CA TYR A 188 6.28 -14.93 -17.28
C TYR A 188 6.23 -16.30 -17.95
N LEU A 189 7.01 -16.46 -19.01
CA LEU A 189 7.10 -17.70 -19.76
C LEU A 189 7.86 -18.77 -18.98
N ALA A 190 7.41 -20.01 -19.10
CA ALA A 190 8.05 -21.13 -18.43
C ALA A 190 9.51 -21.22 -18.85
N GLU A 191 9.77 -20.98 -20.13
CA GLU A 191 11.12 -21.02 -20.67
C GLU A 191 11.99 -20.06 -19.87
N ASP A 192 11.53 -18.81 -19.76
CA ASP A 192 12.22 -17.76 -19.04
C ASP A 192 12.52 -18.17 -17.60
N ILE A 193 11.49 -18.54 -16.86
CA ILE A 193 11.68 -18.95 -15.47
C ILE A 193 12.62 -20.15 -15.30
N SER A 194 12.47 -21.17 -16.14
CA SER A 194 13.33 -22.34 -16.04
C SER A 194 14.80 -21.94 -16.24
N LYS A 195 15.04 -21.04 -17.19
CA LYS A 195 16.38 -20.56 -17.47
C LYS A 195 16.91 -19.67 -16.37
N GLU A 196 16.02 -18.90 -15.75
CA GLU A 196 16.41 -17.97 -14.69
C GLU A 196 16.68 -18.64 -13.35
N VAL A 197 15.81 -19.57 -12.93
CA VAL A 197 16.00 -20.22 -11.64
C VAL A 197 16.65 -21.59 -11.73
N VAL A 198 17.97 -21.60 -11.86
CA VAL A 198 18.73 -22.84 -11.93
C VAL A 198 19.38 -23.01 -10.57
N LEU A 199 19.22 -24.18 -9.97
CA LEU A 199 19.76 -24.43 -8.65
C LEU A 199 20.72 -25.62 -8.63
N SER A 200 21.78 -25.50 -7.85
CA SER A 200 22.77 -26.56 -7.71
C SER A 200 22.90 -26.91 -6.23
N SER A 201 23.26 -28.16 -5.95
CA SER A 201 23.40 -28.62 -4.57
C SER A 201 24.53 -27.94 -3.81
N LYS A 202 25.61 -27.60 -4.50
CA LYS A 202 26.74 -26.96 -3.85
C LYS A 202 26.44 -25.52 -3.44
N ARG A 203 25.55 -24.85 -4.18
CA ARG A 203 25.23 -23.46 -3.86
C ARG A 203 23.87 -23.33 -3.16
N TYR A 204 22.78 -23.43 -3.91
CA TYR A 204 21.45 -23.35 -3.32
C TYR A 204 21.35 -24.40 -2.20
N GLY A 205 21.81 -25.61 -2.51
CA GLY A 205 21.75 -26.70 -1.55
C GLY A 205 22.56 -26.55 -0.28
N SER A 206 23.51 -25.63 -0.26
CA SER A 206 24.34 -25.42 0.92
C SER A 206 23.67 -24.53 1.97
N VAL A 207 22.62 -23.82 1.57
CA VAL A 207 21.91 -22.93 2.49
C VAL A 207 20.91 -23.67 3.37
N LYS A 208 20.92 -23.39 4.67
CA LYS A 208 19.97 -24.01 5.58
C LYS A 208 18.59 -23.60 5.11
N ARG A 209 17.64 -24.54 5.16
CA ARG A 209 16.31 -24.28 4.64
C ARG A 209 15.18 -24.82 5.52
N VAL A 210 14.20 -23.96 5.79
CA VAL A 210 13.04 -24.32 6.59
C VAL A 210 11.76 -23.99 5.84
N PHE A 211 10.83 -24.94 5.81
CA PHE A 211 9.55 -24.73 5.15
C PHE A 211 8.46 -24.61 6.21
N ILE A 212 7.60 -23.60 6.07
CA ILE A 212 6.53 -23.41 7.02
C ILE A 212 5.21 -23.69 6.32
N VAL A 213 4.54 -24.75 6.73
CA VAL A 213 3.25 -25.11 6.15
C VAL A 213 2.17 -24.30 6.86
N ALA A 214 1.40 -23.54 6.08
CA ALA A 214 0.34 -22.73 6.63
C ALA A 214 -0.76 -22.56 5.59
N THR A 215 -1.75 -23.43 5.68
CA THR A 215 -2.90 -23.43 4.77
C THR A 215 -3.93 -24.21 5.56
N GLU A 216 -5.20 -23.81 5.51
CA GLU A 216 -6.20 -24.51 6.32
C GLU A 216 -7.32 -25.33 5.69
N ASN A 217 -8.05 -24.77 4.74
CA ASN A 217 -9.13 -25.54 4.16
C ASN A 217 -9.06 -25.56 2.65
N ASP A 218 -8.01 -26.24 2.20
CA ASP A 218 -7.69 -26.43 0.80
C ASP A 218 -6.70 -27.59 0.88
N ALA A 219 -7.23 -28.82 0.91
CA ALA A 219 -6.42 -30.02 1.02
C ALA A 219 -5.51 -30.26 -0.19
N LEU A 220 -5.94 -29.82 -1.37
CA LEU A 220 -5.11 -30.00 -2.56
C LEU A 220 -3.89 -29.11 -2.44
N LYS A 221 -4.10 -27.89 -1.97
CA LYS A 221 -3.02 -26.94 -1.80
C LYS A 221 -2.00 -27.53 -0.84
N LYS A 222 -2.49 -28.21 0.19
CA LYS A 222 -1.60 -28.82 1.17
C LYS A 222 -0.83 -29.98 0.54
N GLU A 223 -1.48 -30.70 -0.39
CA GLU A 223 -0.81 -31.80 -1.05
C GLU A 223 0.36 -31.28 -1.87
N PHE A 224 0.14 -30.18 -2.57
CA PHE A 224 1.18 -29.56 -3.37
C PHE A 224 2.36 -29.17 -2.50
N LEU A 225 2.06 -28.63 -1.33
CA LEU A 225 3.10 -28.22 -0.40
C LEU A 225 3.85 -29.48 0.06
N LYS A 226 3.10 -30.55 0.34
CA LYS A 226 3.71 -31.81 0.76
C LYS A 226 4.58 -32.40 -0.37
N LEU A 227 4.12 -32.24 -1.60
CA LEU A 227 4.87 -32.74 -2.75
C LEU A 227 6.26 -32.09 -2.86
N MET A 228 6.30 -30.76 -2.79
CA MET A 228 7.56 -30.02 -2.87
C MET A 228 8.49 -30.37 -1.71
N ILE A 229 7.91 -30.57 -0.53
CA ILE A 229 8.71 -30.93 0.64
C ILE A 229 9.33 -32.31 0.46
N GLU A 230 8.56 -33.21 -0.14
CA GLU A 230 9.01 -34.58 -0.38
C GLU A 230 10.06 -34.64 -1.49
N LYS A 231 9.86 -33.86 -2.55
CA LYS A 231 10.78 -33.85 -3.69
C LYS A 231 12.06 -33.08 -3.42
N ASN A 232 11.97 -32.03 -2.61
CA ASN A 232 13.12 -31.20 -2.29
C ASN A 232 13.12 -30.95 -0.79
N PRO A 233 13.43 -32.00 -0.01
CA PRO A 233 13.48 -31.98 1.46
C PRO A 233 14.29 -30.84 2.06
N PRO A 234 13.68 -30.06 2.96
CA PRO A 234 14.35 -28.94 3.61
C PRO A 234 15.02 -29.48 4.89
N ASP A 235 15.69 -28.61 5.63
CA ASP A 235 16.34 -29.03 6.86
C ASP A 235 15.33 -29.21 7.99
N GLU A 236 14.16 -28.62 7.82
CA GLU A 236 13.10 -28.69 8.84
C GLU A 236 11.77 -28.17 8.30
N VAL A 237 10.68 -28.70 8.84
CA VAL A 237 9.34 -28.30 8.44
C VAL A 237 8.56 -27.88 9.68
N LYS A 238 7.96 -26.70 9.62
CA LYS A 238 7.18 -26.18 10.74
C LYS A 238 5.76 -25.89 10.28
N GLU A 239 4.82 -25.90 11.22
CA GLU A 239 3.44 -25.64 10.88
C GLU A 239 2.87 -24.48 11.68
N ILE A 240 1.87 -23.83 11.09
CA ILE A 240 1.16 -22.72 11.73
C ILE A 240 -0.31 -22.99 11.40
N GLU A 241 -1.13 -23.13 12.44
CA GLU A 241 -2.55 -23.42 12.28
C GLU A 241 -3.42 -22.20 12.09
N GLY A 242 -4.58 -22.42 11.45
CA GLY A 242 -5.54 -21.35 11.23
C GLY A 242 -5.14 -20.24 10.28
N SER A 243 -4.20 -20.53 9.39
CA SER A 243 -3.75 -19.53 8.44
C SER A 243 -4.41 -19.64 7.08
N ASP A 244 -4.70 -18.50 6.46
CA ASP A 244 -5.25 -18.54 5.12
C ASP A 244 -4.01 -18.40 4.25
N HIS A 245 -4.16 -17.92 3.02
CA HIS A 245 -3.02 -17.78 2.14
C HIS A 245 -2.02 -16.71 2.58
N VAL A 246 -2.47 -15.70 3.34
CA VAL A 246 -1.57 -14.65 3.79
C VAL A 246 -1.36 -14.72 5.30
N THR A 247 -0.49 -15.62 5.72
CA THR A 247 -0.19 -15.83 7.14
C THR A 247 0.24 -14.55 7.85
N MET A 248 0.97 -13.69 7.14
CA MET A 248 1.42 -12.45 7.76
C MET A 248 0.22 -11.57 8.13
N MET A 249 -0.95 -11.90 7.58
CA MET A 249 -2.17 -11.14 7.85
C MET A 249 -3.07 -11.85 8.86
N SER A 250 -3.25 -13.15 8.65
CA SER A 250 -4.12 -13.96 9.50
C SER A 250 -3.50 -14.43 10.82
N LYS A 251 -2.21 -14.78 10.81
CA LYS A 251 -1.51 -15.24 12.01
C LYS A 251 -0.17 -14.50 12.19
N PRO A 252 -0.23 -13.16 12.32
CA PRO A 252 0.99 -12.36 12.48
C PRO A 252 1.88 -12.71 13.67
N GLN A 253 1.31 -12.66 14.88
CA GLN A 253 2.05 -12.95 16.10
C GLN A 253 2.67 -14.34 16.03
N GLN A 254 1.92 -15.29 15.51
CA GLN A 254 2.38 -16.65 15.39
C GLN A 254 3.51 -16.78 14.35
N LEU A 255 3.43 -16.02 13.26
CA LEU A 255 4.47 -16.06 12.23
C LEU A 255 5.74 -15.39 12.76
N PHE A 256 5.57 -14.28 13.44
CA PHE A 256 6.67 -13.53 14.04
C PHE A 256 7.45 -14.46 14.96
N THR A 257 6.73 -15.12 15.85
CA THR A 257 7.31 -16.05 16.82
C THR A 257 8.07 -17.17 16.12
N THR A 258 7.46 -17.73 15.09
CA THR A 258 8.09 -18.82 14.35
C THR A 258 9.38 -18.37 13.68
N LEU A 259 9.38 -17.17 13.13
CA LEU A 259 10.57 -16.65 12.45
C LEU A 259 11.69 -16.38 13.45
N LEU A 260 11.34 -15.84 14.61
CA LEU A 260 12.34 -15.55 15.64
C LEU A 260 12.97 -16.86 16.09
N SER A 261 12.12 -17.87 16.23
CA SER A 261 12.58 -19.19 16.68
C SER A 261 13.55 -19.84 15.70
N ILE A 262 13.25 -19.70 14.41
CA ILE A 262 14.07 -20.23 13.32
C ILE A 262 15.40 -19.51 13.24
N ALA A 263 15.36 -18.19 13.41
CA ALA A 263 16.56 -17.37 13.36
C ALA A 263 17.53 -17.72 14.49
N ASN A 264 17.00 -17.93 15.69
CA ASN A 264 17.84 -18.27 16.83
C ASN A 264 18.44 -19.66 16.73
N LYS A 265 17.77 -20.55 16.00
CA LYS A 265 18.27 -21.91 15.84
C LYS A 265 19.35 -22.03 14.76
N TYR A 266 19.17 -21.33 13.65
CA TYR A 266 20.12 -21.36 12.54
C TYR A 266 20.91 -20.07 12.47
N LYS A 267 21.82 -19.87 13.42
CA LYS A 267 22.63 -18.65 13.46
C LYS A 267 23.70 -18.55 12.38
N PRO B 9 -34.47 2.73 8.83
CA PRO B 9 -34.56 2.32 7.42
C PRO B 9 -33.20 2.62 6.75
N PHE B 10 -32.51 1.58 6.32
CA PHE B 10 -31.20 1.73 5.71
C PHE B 10 -31.20 2.47 4.39
N VAL B 11 -30.49 3.60 4.36
CA VAL B 11 -30.35 4.39 3.15
C VAL B 11 -28.90 4.34 2.69
N LYS B 12 -28.64 3.60 1.62
CA LYS B 12 -27.31 3.44 1.07
C LYS B 12 -26.68 4.74 0.57
N LYS B 13 -25.46 5.01 1.02
CA LYS B 13 -24.75 6.23 0.63
C LYS B 13 -23.49 5.87 -0.14
N HIS B 14 -22.88 6.87 -0.77
CA HIS B 14 -21.64 6.66 -1.50
C HIS B 14 -20.57 7.61 -0.98
N PHE B 15 -19.65 7.08 -0.19
CA PHE B 15 -18.56 7.86 0.37
C PHE B 15 -17.37 7.82 -0.61
N VAL B 16 -16.75 8.99 -0.82
CA VAL B 16 -15.60 9.09 -1.71
C VAL B 16 -14.48 9.70 -0.89
N LEU B 17 -13.42 8.92 -0.69
CA LEU B 17 -12.30 9.32 0.15
C LEU B 17 -11.04 9.76 -0.60
N VAL B 18 -10.51 10.92 -0.21
CA VAL B 18 -9.32 11.48 -0.85
C VAL B 18 -8.18 11.72 0.15
N HIS B 19 -7.06 11.03 -0.08
CA HIS B 19 -5.88 11.09 0.78
C HIS B 19 -5.10 12.40 0.71
N THR B 20 -4.12 12.52 1.60
CA THR B 20 -3.27 13.71 1.67
C THR B 20 -1.95 13.41 0.96
N ALA B 21 -0.99 14.32 1.11
CA ALA B 21 0.32 14.18 0.50
C ALA B 21 1.02 12.88 0.91
N PHE B 22 1.75 12.31 -0.04
CA PHE B 22 2.52 11.07 0.14
C PHE B 22 1.69 9.80 0.29
N HIS B 23 0.41 9.96 0.61
CA HIS B 23 -0.42 8.78 0.83
C HIS B 23 -1.16 8.24 -0.38
N GLY B 24 -2.16 7.41 -0.12
CA GLY B 24 -2.94 6.82 -1.20
C GLY B 24 -4.25 6.28 -0.66
N ALA B 25 -5.02 5.65 -1.53
CA ALA B 25 -6.31 5.09 -1.14
C ALA B 25 -6.11 4.13 0.03
N TRP B 26 -4.93 3.49 0.07
CA TRP B 26 -4.61 2.52 1.10
C TRP B 26 -4.72 3.01 2.55
N CYS B 27 -4.47 4.28 2.79
CA CYS B 27 -4.53 4.78 4.16
C CYS B 27 -5.93 4.69 4.77
N TRP B 28 -6.94 4.60 3.90
CA TRP B 28 -8.33 4.52 4.33
C TRP B 28 -8.83 3.10 4.58
N TYR B 29 -7.97 2.10 4.43
CA TYR B 29 -8.42 0.71 4.57
C TYR B 29 -9.33 0.36 5.74
N LYS B 30 -9.09 0.91 6.93
CA LYS B 30 -9.96 0.60 8.06
C LYS B 30 -11.36 1.19 7.84
N ILE B 31 -11.41 2.38 7.26
CA ILE B 31 -12.68 3.04 7.00
C ILE B 31 -13.45 2.35 5.88
N VAL B 32 -12.72 1.95 4.84
CA VAL B 32 -13.34 1.26 3.71
C VAL B 32 -13.99 -0.05 4.16
N ALA B 33 -13.32 -0.77 5.04
CA ALA B 33 -13.86 -2.04 5.53
C ALA B 33 -15.15 -1.83 6.30
N LEU B 34 -15.18 -0.82 7.17
CA LEU B 34 -16.38 -0.53 7.94
C LEU B 34 -17.51 -0.09 7.02
N MET B 35 -17.19 0.69 5.99
CA MET B 35 -18.19 1.16 5.05
C MET B 35 -18.81 0.00 4.27
N ARG B 36 -17.97 -0.77 3.59
CA ARG B 36 -18.44 -1.91 2.80
C ARG B 36 -19.16 -2.94 3.65
N SER B 37 -18.73 -3.10 4.88
CA SER B 37 -19.33 -4.07 5.80
C SER B 37 -20.74 -3.66 6.21
N SER B 38 -20.99 -2.37 6.25
CA SER B 38 -22.32 -1.90 6.62
C SER B 38 -23.23 -1.73 5.41
N GLY B 39 -22.70 -2.06 4.24
CA GLY B 39 -23.51 -1.97 3.03
C GLY B 39 -23.44 -0.69 2.21
N HIS B 40 -22.59 0.25 2.61
CA HIS B 40 -22.46 1.50 1.85
C HIS B 40 -21.45 1.35 0.72
N ASN B 41 -21.58 2.22 -0.28
CA ASN B 41 -20.65 2.25 -1.39
C ASN B 41 -19.52 3.15 -0.92
N VAL B 42 -18.29 2.82 -1.27
CA VAL B 42 -17.19 3.69 -0.90
C VAL B 42 -16.14 3.59 -1.97
N THR B 43 -15.59 4.73 -2.36
CA THR B 43 -14.53 4.76 -3.36
C THR B 43 -13.33 5.47 -2.78
N ALA B 44 -12.22 4.74 -2.63
CA ALA B 44 -11.00 5.31 -2.11
C ALA B 44 -10.08 5.46 -3.32
N LEU B 45 -9.79 6.71 -3.67
CA LEU B 45 -8.97 7.01 -4.84
C LEU B 45 -7.50 7.27 -4.57
N ASP B 46 -6.68 7.01 -5.58
CA ASP B 46 -5.25 7.31 -5.53
C ASP B 46 -5.12 8.54 -6.42
N LEU B 47 -4.56 9.63 -5.91
CA LEU B 47 -4.38 10.80 -6.76
C LEU B 47 -3.13 10.53 -7.59
N GLY B 48 -2.73 11.50 -8.42
CA GLY B 48 -1.56 11.33 -9.25
C GLY B 48 -0.33 10.90 -8.47
N ALA B 49 0.35 9.87 -8.99
CA ALA B 49 1.56 9.29 -8.39
C ALA B 49 1.45 9.05 -6.91
N SER B 50 0.27 8.59 -6.51
CA SER B 50 -0.01 8.27 -5.13
C SER B 50 -0.46 6.80 -5.12
N GLY B 51 -0.22 6.11 -4.02
CA GLY B 51 -0.62 4.72 -3.93
C GLY B 51 -0.08 3.90 -5.09
N ILE B 52 -0.96 3.21 -5.82
CA ILE B 52 -0.52 2.42 -6.95
C ILE B 52 -0.86 3.09 -8.28
N ASN B 53 -1.00 4.41 -8.26
CA ASN B 53 -1.27 5.15 -9.49
C ASN B 53 0.03 4.99 -10.28
N PRO B 54 -0.05 4.66 -11.58
CA PRO B 54 1.08 4.45 -12.47
C PRO B 54 2.06 5.62 -12.70
N LYS B 55 1.57 6.84 -12.56
CA LYS B 55 2.43 8.00 -12.78
C LYS B 55 3.50 8.14 -11.70
N GLN B 56 4.65 8.68 -12.08
CA GLN B 56 5.73 8.94 -11.15
C GLN B 56 5.68 10.46 -10.93
N ALA B 57 5.98 10.90 -9.71
CA ALA B 57 5.94 12.32 -9.35
C ALA B 57 6.56 13.24 -10.41
N LEU B 58 7.79 12.92 -10.82
CA LEU B 58 8.47 13.75 -11.81
C LEU B 58 7.72 13.84 -13.13
N GLN B 59 6.88 12.85 -13.41
CA GLN B 59 6.12 12.85 -14.66
C GLN B 59 4.88 13.74 -14.64
N ILE B 60 4.48 14.19 -13.46
CA ILE B 60 3.31 15.05 -13.37
C ILE B 60 3.57 16.36 -12.64
N PRO B 61 4.37 17.26 -13.24
CA PRO B 61 4.70 18.56 -12.65
C PRO B 61 3.52 19.53 -12.57
N ASN B 62 2.44 19.20 -13.27
CA ASN B 62 1.24 20.06 -13.27
C ASN B 62 0.20 19.56 -12.26
N PHE B 63 -0.21 20.44 -11.36
CA PHE B 63 -1.18 20.10 -10.33
C PHE B 63 -2.42 19.46 -10.95
N SER B 64 -2.75 19.89 -12.16
CA SER B 64 -3.89 19.37 -12.89
C SER B 64 -3.85 17.85 -12.98
N ASP B 65 -2.67 17.30 -13.23
CA ASP B 65 -2.52 15.85 -13.35
C ASP B 65 -2.50 15.13 -12.00
N TYR B 66 -2.25 15.87 -10.93
CA TYR B 66 -2.23 15.28 -9.60
C TYR B 66 -3.69 15.03 -9.22
N LEU B 67 -4.54 15.99 -9.57
CA LEU B 67 -5.98 15.94 -9.27
C LEU B 67 -6.86 15.18 -10.27
N SER B 68 -6.35 14.91 -11.47
CA SER B 68 -7.15 14.25 -12.49
C SER B 68 -7.91 12.98 -12.09
N PRO B 69 -7.32 12.12 -11.25
CA PRO B 69 -8.10 10.92 -10.90
C PRO B 69 -9.42 11.25 -10.22
N LEU B 70 -9.44 12.30 -9.41
CA LEU B 70 -10.68 12.69 -8.73
C LEU B 70 -11.63 13.39 -9.70
N MET B 71 -11.09 14.32 -10.50
CA MET B 71 -11.93 15.04 -11.45
C MET B 71 -12.57 14.07 -12.44
N GLU B 72 -11.78 13.11 -12.92
CA GLU B 72 -12.31 12.11 -13.85
C GLU B 72 -13.38 11.25 -13.18
N PHE B 73 -13.17 10.92 -11.91
CA PHE B 73 -14.14 10.12 -11.19
C PHE B 73 -15.42 10.92 -11.04
N MET B 74 -15.28 12.20 -10.71
CA MET B 74 -16.43 13.07 -10.54
C MET B 74 -17.22 13.19 -11.83
N ALA B 75 -16.50 13.38 -12.94
CA ALA B 75 -17.12 13.54 -14.26
C ALA B 75 -17.95 12.35 -14.71
N SER B 76 -17.54 11.15 -14.36
CA SER B 76 -18.27 9.96 -14.78
C SER B 76 -19.28 9.43 -13.76
N LEU B 77 -19.58 10.21 -12.72
CA LEU B 77 -20.57 9.78 -11.75
C LEU B 77 -21.93 9.73 -12.45
N PRO B 78 -22.75 8.71 -12.14
CA PRO B 78 -24.07 8.56 -12.75
C PRO B 78 -25.00 9.74 -12.55
N ALA B 79 -26.14 9.69 -13.25
CA ALA B 79 -27.14 10.74 -13.18
C ALA B 79 -27.83 10.77 -11.82
N ASN B 80 -27.86 11.95 -11.22
CA ASN B 80 -28.50 12.17 -9.92
C ASN B 80 -27.87 11.52 -8.70
N GLU B 81 -26.71 10.88 -8.88
CA GLU B 81 -26.06 10.26 -7.73
C GLU B 81 -25.27 11.33 -6.98
N LYS B 82 -25.52 11.46 -5.68
CA LYS B 82 -24.79 12.44 -4.88
C LYS B 82 -23.86 11.68 -3.95
N ILE B 83 -22.73 12.29 -3.61
CA ILE B 83 -21.75 11.63 -2.77
C ILE B 83 -21.36 12.44 -1.55
N ILE B 84 -20.74 11.74 -0.60
CA ILE B 84 -20.22 12.38 0.58
C ILE B 84 -18.73 12.41 0.24
N LEU B 85 -18.20 13.60 -0.04
CA LEU B 85 -16.80 13.73 -0.42
C LEU B 85 -15.92 14.05 0.78
N VAL B 86 -14.98 13.16 1.07
CA VAL B 86 -14.09 13.34 2.22
C VAL B 86 -12.64 13.56 1.82
N GLY B 87 -12.08 14.68 2.27
CA GLY B 87 -10.71 14.99 1.95
C GLY B 87 -9.84 15.18 3.18
N HIS B 88 -8.72 14.49 3.22
CA HIS B 88 -7.81 14.60 4.35
C HIS B 88 -6.66 15.56 4.02
N ALA B 89 -6.44 16.53 4.90
CA ALA B 89 -5.35 17.50 4.74
C ALA B 89 -5.19 18.05 3.31
N LEU B 90 -4.09 17.74 2.65
CA LEU B 90 -3.86 18.22 1.27
C LEU B 90 -5.03 17.82 0.36
N GLY B 91 -5.63 16.67 0.65
CA GLY B 91 -6.77 16.23 -0.13
C GLY B 91 -7.85 17.29 -0.12
N GLY B 92 -7.77 18.21 0.84
CA GLY B 92 -8.75 19.28 0.93
C GLY B 92 -8.78 20.12 -0.33
N LEU B 93 -7.62 20.30 -0.97
CA LEU B 93 -7.54 21.10 -2.19
C LEU B 93 -8.27 20.42 -3.33
N ALA B 94 -8.09 19.12 -3.43
CA ALA B 94 -8.71 18.32 -4.48
C ALA B 94 -10.23 18.37 -4.39
N ILE B 95 -10.78 18.12 -3.22
CA ILE B 95 -12.23 18.14 -3.07
C ILE B 95 -12.80 19.54 -3.26
N SER B 96 -12.00 20.57 -2.97
CA SER B 96 -12.45 21.94 -3.15
C SER B 96 -12.69 22.18 -4.64
N LYS B 97 -11.76 21.75 -5.47
CA LYS B 97 -11.91 21.92 -6.92
C LYS B 97 -13.12 21.12 -7.39
N ALA B 98 -13.28 19.91 -6.84
CA ALA B 98 -14.43 19.08 -7.21
C ALA B 98 -15.73 19.77 -6.81
N MET B 99 -15.69 20.52 -5.71
CA MET B 99 -16.86 21.24 -5.24
C MET B 99 -17.24 22.38 -6.19
N GLU B 100 -16.23 23.08 -6.70
CA GLU B 100 -16.46 24.20 -7.61
C GLU B 100 -16.96 23.72 -8.98
N THR B 101 -16.45 22.58 -9.43
CA THR B 101 -16.81 22.04 -10.73
C THR B 101 -18.10 21.23 -10.77
N PHE B 102 -18.30 20.37 -9.78
CA PHE B 102 -19.50 19.53 -9.75
C PHE B 102 -20.23 19.68 -8.42
N PRO B 103 -20.57 20.92 -8.05
CA PRO B 103 -21.26 21.19 -6.79
C PRO B 103 -22.55 20.39 -6.63
N GLU B 104 -23.25 20.15 -7.74
CA GLU B 104 -24.53 19.40 -7.72
C GLU B 104 -24.40 17.91 -7.43
N LYS B 105 -23.21 17.35 -7.60
CA LYS B 105 -23.00 15.92 -7.37
C LYS B 105 -22.55 15.60 -5.94
N ILE B 106 -22.41 16.63 -5.11
CA ILE B 106 -21.95 16.42 -3.75
C ILE B 106 -22.98 16.78 -2.69
N SER B 107 -23.41 15.78 -1.93
CA SER B 107 -24.39 16.00 -0.86
C SER B 107 -23.75 16.84 0.24
N VAL B 108 -22.54 16.47 0.65
CA VAL B 108 -21.81 17.20 1.69
C VAL B 108 -20.31 16.93 1.57
N ALA B 109 -19.51 17.97 1.80
CA ALA B 109 -18.06 17.87 1.71
C ALA B 109 -17.48 17.85 3.12
N VAL B 110 -16.56 16.92 3.36
CA VAL B 110 -15.95 16.77 4.67
C VAL B 110 -14.44 16.98 4.64
N PHE B 111 -13.97 17.96 5.41
CA PHE B 111 -12.54 18.26 5.48
C PHE B 111 -11.97 17.74 6.80
N LEU B 112 -11.22 16.65 6.70
CA LEU B 112 -10.60 16.02 7.88
C LEU B 112 -9.22 16.66 8.02
N SER B 113 -9.10 17.60 8.95
CA SER B 113 -7.83 18.33 9.15
C SER B 113 -7.42 18.78 7.74
N GLY B 114 -8.40 19.14 6.92
CA GLY B 114 -8.10 19.52 5.56
C GLY B 114 -7.80 20.96 5.23
N LEU B 115 -6.97 21.16 4.22
CA LEU B 115 -6.65 22.50 3.77
C LEU B 115 -7.98 22.93 3.16
N MET B 116 -8.58 23.96 3.76
CA MET B 116 -9.88 24.40 3.32
C MET B 116 -9.91 25.86 2.88
N PRO B 117 -9.30 26.17 1.73
CA PRO B 117 -9.29 27.56 1.25
C PRO B 117 -10.67 27.99 0.78
N GLY B 118 -10.90 29.30 0.77
CA GLY B 118 -12.17 29.83 0.33
C GLY B 118 -11.93 31.18 -0.31
N PRO B 119 -12.98 31.85 -0.80
CA PRO B 119 -12.79 33.16 -1.43
C PRO B 119 -11.94 34.16 -0.65
N ASN B 120 -11.98 34.11 0.68
CA ASN B 120 -11.22 35.05 1.50
C ASN B 120 -9.92 34.54 2.15
N ILE B 121 -9.50 33.35 1.75
CA ILE B 121 -8.26 32.74 2.22
C ILE B 121 -7.98 31.68 1.16
N ASP B 122 -7.50 32.15 0.02
CA ASP B 122 -7.23 31.29 -1.13
C ASP B 122 -6.21 30.18 -0.99
N ALA B 123 -6.26 29.30 -1.98
CA ALA B 123 -5.39 28.12 -2.07
C ALA B 123 -3.92 28.40 -1.86
N THR B 124 -3.43 29.49 -2.43
CA THR B 124 -2.02 29.82 -2.30
C THR B 124 -1.64 30.25 -0.88
N THR B 125 -2.54 30.97 -0.22
CA THR B 125 -2.26 31.39 1.14
C THR B 125 -2.17 30.12 1.97
N VAL B 126 -3.16 29.25 1.79
CA VAL B 126 -3.24 27.99 2.50
C VAL B 126 -2.09 27.02 2.20
N CYS B 127 -1.65 26.97 0.95
CA CYS B 127 -0.55 26.08 0.59
C CYS B 127 0.77 26.57 1.15
N THR B 128 0.97 27.88 1.13
CA THR B 128 2.19 28.49 1.65
C THR B 128 2.33 28.17 3.13
N LYS B 129 1.20 28.25 3.85
CA LYS B 129 1.22 27.95 5.27
C LYS B 129 1.45 26.47 5.49
N ALA B 130 0.82 25.63 4.68
CA ALA B 130 0.97 24.18 4.81
C ALA B 130 2.42 23.77 4.55
N GLY B 131 3.01 24.34 3.51
CA GLY B 131 4.38 24.00 3.18
C GLY B 131 5.36 24.21 4.32
N SER B 132 5.15 25.25 5.11
CA SER B 132 6.03 25.57 6.23
C SER B 132 6.01 24.53 7.34
N ALA B 133 4.93 23.77 7.44
CA ALA B 133 4.81 22.76 8.48
C ALA B 133 5.29 21.38 8.04
N VAL B 134 5.70 21.26 6.79
CA VAL B 134 6.18 19.98 6.28
C VAL B 134 7.61 20.08 5.76
N LEU B 135 7.86 21.10 4.95
CA LEU B 135 9.20 21.31 4.41
C LEU B 135 10.16 21.60 5.56
N GLY B 136 11.25 20.84 5.63
CA GLY B 136 12.23 21.06 6.67
C GLY B 136 11.93 20.42 8.02
N GLN B 137 10.83 19.68 8.12
CA GLN B 137 10.47 19.03 9.37
C GLN B 137 11.26 17.75 9.54
N LEU B 138 11.97 17.63 10.65
CA LEU B 138 12.76 16.45 10.96
C LEU B 138 13.53 15.89 9.77
N ASP B 139 13.28 14.63 9.43
CA ASP B 139 13.99 14.00 8.32
C ASP B 139 13.38 14.11 6.92
N ASN B 140 12.45 15.05 6.73
CA ASN B 140 11.86 15.25 5.41
C ASN B 140 12.94 15.89 4.53
N CYS B 141 12.92 15.59 3.24
CA CYS B 141 13.91 16.19 2.34
C CYS B 141 13.33 16.44 0.95
N VAL B 142 14.01 17.29 0.19
CA VAL B 142 13.59 17.63 -1.16
C VAL B 142 14.65 17.24 -2.18
N THR B 143 14.24 17.15 -3.44
CA THR B 143 15.15 16.79 -4.53
C THR B 143 15.23 17.93 -5.53
N TYR B 144 16.27 17.90 -6.36
CA TYR B 144 16.48 18.92 -7.38
C TYR B 144 16.75 18.29 -8.74
N GLU B 145 15.74 17.61 -9.28
CA GLU B 145 15.88 16.95 -10.57
C GLU B 145 16.02 17.92 -11.73
N ASN B 146 15.79 19.20 -11.46
CA ASN B 146 15.89 20.24 -12.48
C ASN B 146 17.09 21.14 -12.24
N GLY B 147 18.03 20.68 -11.44
CA GLY B 147 19.21 21.46 -11.16
C GLY B 147 19.01 22.50 -10.07
N PRO B 148 20.11 23.01 -9.50
CA PRO B 148 20.12 24.02 -8.43
C PRO B 148 19.54 25.37 -8.80
N THR B 149 19.40 25.61 -10.10
CA THR B 149 18.86 26.88 -10.57
C THR B 149 17.34 26.94 -10.48
N ASN B 150 16.72 25.77 -10.41
CA ASN B 150 15.27 25.70 -10.35
C ASN B 150 14.78 25.32 -8.95
N PRO B 151 13.46 25.46 -8.72
CA PRO B 151 12.89 25.12 -7.40
C PRO B 151 13.02 23.61 -7.14
N PRO B 152 13.00 23.19 -5.86
CA PRO B 152 13.11 21.76 -5.59
C PRO B 152 11.96 21.09 -6.33
N THR B 153 12.18 19.87 -6.82
CA THR B 153 11.16 19.16 -7.57
C THR B 153 10.20 18.30 -6.77
N THR B 154 10.70 17.55 -5.79
CA THR B 154 9.82 16.72 -4.99
C THR B 154 10.13 16.77 -3.51
N LEU B 155 9.14 16.39 -2.71
CA LEU B 155 9.26 16.35 -1.27
C LEU B 155 9.09 14.90 -0.86
N ILE B 156 10.00 14.40 -0.02
CA ILE B 156 9.95 13.02 0.44
C ILE B 156 9.77 12.98 1.95
N ALA B 157 8.69 12.35 2.40
CA ALA B 157 8.40 12.24 3.83
C ALA B 157 9.36 11.29 4.52
N GLY B 158 9.97 11.74 5.61
CA GLY B 158 10.91 10.90 6.33
C GLY B 158 10.22 10.04 7.38
N PRO B 159 10.78 8.86 7.69
CA PRO B 159 10.18 7.96 8.70
C PRO B 159 10.01 8.60 10.07
N LYS B 160 10.99 9.40 10.50
CA LYS B 160 10.91 10.06 11.80
C LYS B 160 9.82 11.12 11.81
N PHE B 161 9.68 11.84 10.70
CA PHE B 161 8.63 12.85 10.58
C PHE B 161 7.27 12.15 10.68
N LEU B 162 7.15 11.00 10.03
CA LEU B 162 5.92 10.22 10.05
C LEU B 162 5.55 9.75 11.44
N ALA B 163 6.54 9.21 12.15
CA ALA B 163 6.31 8.71 13.50
C ALA B 163 5.98 9.80 14.50
N THR B 164 6.67 10.92 14.40
CA THR B 164 6.49 12.04 15.32
C THR B 164 5.34 13.00 15.03
N ASN B 165 5.27 13.51 13.80
CA ASN B 165 4.24 14.49 13.43
C ASN B 165 2.93 13.94 12.89
N VAL B 166 2.95 12.73 12.35
CA VAL B 166 1.76 12.17 11.76
C VAL B 166 1.10 10.99 12.45
N TYR B 167 1.87 9.93 12.70
CA TYR B 167 1.36 8.72 13.31
C TYR B 167 1.65 8.51 14.80
N HIS B 168 1.91 9.57 15.56
CA HIS B 168 2.26 9.38 16.97
C HIS B 168 1.21 8.78 17.91
N LEU B 169 -0.05 8.69 17.47
CA LEU B 169 -1.08 8.11 18.31
C LEU B 169 -1.74 6.91 17.63
N SER B 170 -1.09 6.40 16.59
CA SER B 170 -1.63 5.28 15.84
C SER B 170 -0.90 3.97 16.15
N PRO B 171 -1.53 2.83 15.82
CA PRO B 171 -0.89 1.53 16.07
C PRO B 171 0.45 1.55 15.33
N ILE B 172 1.49 0.98 15.93
CA ILE B 172 2.80 0.99 15.28
C ILE B 172 2.86 0.25 13.95
N GLU B 173 1.95 -0.70 13.72
CA GLU B 173 1.94 -1.42 12.46
C GLU B 173 1.51 -0.45 11.36
N ASP B 174 0.66 0.50 11.70
CA ASP B 174 0.21 1.48 10.72
C ASP B 174 1.38 2.37 10.31
N LEU B 175 2.29 2.62 11.23
CA LEU B 175 3.47 3.43 10.92
C LEU B 175 4.30 2.60 9.94
N ALA B 176 4.48 1.32 10.28
CA ALA B 176 5.23 0.42 9.41
C ALA B 176 4.60 0.35 8.02
N LEU B 177 3.27 0.30 7.97
CA LEU B 177 2.56 0.24 6.70
C LEU B 177 2.88 1.50 5.88
N ALA B 178 2.77 2.65 6.53
CA ALA B 178 3.03 3.94 5.90
C ALA B 178 4.45 4.06 5.34
N THR B 179 5.44 3.64 6.10
CA THR B 179 6.83 3.75 5.65
C THR B 179 7.11 2.88 4.44
N ALA B 180 6.30 1.84 4.24
CA ALA B 180 6.50 0.97 3.08
C ALA B 180 5.65 1.44 1.90
N LEU B 181 4.83 2.47 2.09
CA LEU B 181 3.95 2.95 1.01
C LEU B 181 3.99 4.43 0.63
N VAL B 182 4.42 5.30 1.52
CA VAL B 182 4.45 6.73 1.18
C VAL B 182 5.33 6.97 -0.04
N ARG B 183 4.88 7.87 -0.91
CA ARG B 183 5.62 8.20 -2.11
C ARG B 183 5.90 9.70 -2.14
N PRO B 184 6.85 10.14 -2.99
CA PRO B 184 7.19 11.56 -3.10
C PRO B 184 6.04 12.41 -3.61
N LEU B 185 6.04 13.68 -3.23
CA LEU B 185 5.02 14.61 -3.68
C LEU B 185 5.73 15.64 -4.57
N TYR B 186 5.21 15.88 -5.77
CA TYR B 186 5.83 16.89 -6.61
C TYR B 186 5.53 18.22 -5.93
N LEU B 187 6.51 19.12 -5.86
CA LEU B 187 6.30 20.41 -5.23
C LEU B 187 5.67 21.38 -6.21
N TYR B 188 4.35 21.27 -6.36
CA TYR B 188 3.60 22.11 -7.28
C TYR B 188 3.76 23.59 -6.97
N LEU B 189 3.94 24.38 -8.02
CA LEU B 189 4.11 25.82 -7.85
C LEU B 189 2.82 26.48 -7.40
N ALA B 190 2.96 27.41 -6.47
CA ALA B 190 1.81 28.14 -5.94
C ALA B 190 1.00 28.75 -7.08
N GLU B 191 1.70 29.24 -8.09
CA GLU B 191 1.05 29.85 -9.25
C GLU B 191 0.17 28.85 -9.99
N ASP B 192 0.61 27.60 -10.04
CA ASP B 192 -0.14 26.55 -10.71
C ASP B 192 -1.38 26.17 -9.91
N ILE B 193 -1.21 26.05 -8.59
CA ILE B 193 -2.31 25.70 -7.71
C ILE B 193 -3.40 26.78 -7.74
N SER B 194 -2.97 28.04 -7.71
CA SER B 194 -3.88 29.18 -7.73
C SER B 194 -4.79 29.20 -8.95
N LYS B 195 -4.28 28.77 -10.09
CA LYS B 195 -5.06 28.75 -11.32
C LYS B 195 -5.99 27.54 -11.37
N GLU B 196 -5.61 26.46 -10.69
CA GLU B 196 -6.40 25.25 -10.67
C GLU B 196 -7.51 25.29 -9.64
N VAL B 197 -7.21 25.81 -8.46
CA VAL B 197 -8.20 25.87 -7.40
C VAL B 197 -8.67 27.30 -7.13
N VAL B 198 -9.79 27.66 -7.77
CA VAL B 198 -10.39 28.98 -7.62
C VAL B 198 -11.82 28.68 -7.19
N LEU B 199 -12.24 29.23 -6.05
CA LEU B 199 -13.56 28.96 -5.52
C LEU B 199 -14.52 30.15 -5.49
N SER B 200 -15.77 29.89 -5.84
CA SER B 200 -16.79 30.94 -5.83
C SER B 200 -17.92 30.61 -4.85
N SER B 201 -18.60 31.66 -4.38
CA SER B 201 -19.70 31.52 -3.42
C SER B 201 -20.88 30.68 -3.86
N LYS B 202 -21.31 30.87 -5.11
CA LYS B 202 -22.47 30.16 -5.63
C LYS B 202 -22.25 28.71 -6.04
N ARG B 203 -21.00 28.32 -6.21
CA ARG B 203 -20.71 26.95 -6.59
C ARG B 203 -20.08 26.25 -5.40
N TYR B 204 -18.80 26.50 -5.14
CA TYR B 204 -18.12 25.89 -4.00
C TYR B 204 -18.90 26.18 -2.72
N GLY B 205 -19.25 27.46 -2.55
CA GLY B 205 -19.96 27.89 -1.35
C GLY B 205 -21.35 27.31 -1.16
N SER B 206 -21.95 26.74 -2.20
CA SER B 206 -23.29 26.18 -2.08
C SER B 206 -23.30 24.72 -1.60
N VAL B 207 -22.12 24.12 -1.51
CA VAL B 207 -22.03 22.73 -1.07
C VAL B 207 -21.93 22.63 0.45
N LYS B 208 -22.79 21.81 1.05
CA LYS B 208 -22.76 21.63 2.51
C LYS B 208 -21.36 21.22 2.90
N ARG B 209 -20.83 21.84 3.96
CA ARG B 209 -19.46 21.59 4.35
C ARG B 209 -19.25 21.37 5.85
N VAL B 210 -18.49 20.33 6.18
CA VAL B 210 -18.19 20.00 7.57
C VAL B 210 -16.70 19.85 7.75
N PHE B 211 -16.16 20.41 8.84
CA PHE B 211 -14.74 20.28 9.11
C PHE B 211 -14.59 19.40 10.34
N ILE B 212 -13.67 18.46 10.28
CA ILE B 212 -13.42 17.56 11.41
C ILE B 212 -12.05 17.85 11.99
N VAL B 213 -12.01 18.24 13.25
CA VAL B 213 -10.77 18.55 13.94
C VAL B 213 -10.18 17.34 14.64
N ALA B 214 -8.89 17.09 14.43
CA ALA B 214 -8.20 16.00 15.09
C ALA B 214 -7.54 16.67 16.30
N THR B 215 -8.13 16.46 17.47
CA THR B 215 -7.66 17.05 18.72
C THR B 215 -6.17 17.05 19.03
N GLU B 216 -5.46 15.99 18.68
CA GLU B 216 -4.02 15.93 18.97
C GLU B 216 -3.17 15.95 17.71
N ASN B 217 -3.62 16.69 16.70
CA ASN B 217 -2.91 16.79 15.44
C ASN B 217 -1.58 17.52 15.63
N ASP B 218 -0.46 16.81 15.43
CA ASP B 218 0.86 17.43 15.56
C ASP B 218 1.52 17.70 14.22
N ALA B 219 0.75 17.64 13.15
CA ALA B 219 1.27 17.92 11.81
C ALA B 219 0.79 19.29 11.35
N LEU B 220 -0.51 19.55 11.52
CA LEU B 220 -1.09 20.83 11.17
C LEU B 220 -1.55 21.49 12.46
N LYS B 221 -0.83 22.53 12.86
CA LYS B 221 -1.09 23.22 14.10
C LYS B 221 -2.48 23.86 14.23
N LYS B 222 -2.89 24.05 15.48
CA LYS B 222 -4.18 24.63 15.85
C LYS B 222 -4.44 26.00 15.23
N GLU B 223 -3.45 26.89 15.35
CA GLU B 223 -3.55 28.25 14.84
C GLU B 223 -3.88 28.33 13.35
N PHE B 224 -3.29 27.45 12.55
CA PHE B 224 -3.53 27.43 11.11
C PHE B 224 -4.94 26.95 10.83
N LEU B 225 -5.30 25.82 11.44
CA LEU B 225 -6.63 25.23 11.26
C LEU B 225 -7.74 26.18 11.66
N LYS B 226 -7.58 26.89 12.77
CA LYS B 226 -8.60 27.82 13.20
C LYS B 226 -8.63 29.07 12.32
N LEU B 227 -7.53 29.33 11.63
CA LEU B 227 -7.48 30.49 10.73
C LEU B 227 -8.35 30.21 9.52
N MET B 228 -8.30 28.96 9.05
CA MET B 228 -9.12 28.56 7.90
C MET B 228 -10.59 28.48 8.28
N ILE B 229 -10.86 27.91 9.45
CA ILE B 229 -12.22 27.79 9.94
C ILE B 229 -12.82 29.19 10.12
N GLU B 230 -12.01 30.11 10.61
CA GLU B 230 -12.46 31.48 10.85
C GLU B 230 -12.77 32.20 9.56
N LYS B 231 -11.82 32.15 8.65
CA LYS B 231 -11.95 32.87 7.41
C LYS B 231 -12.71 32.20 6.27
N ASN B 232 -13.11 30.95 6.45
CA ASN B 232 -13.91 30.24 5.45
C ASN B 232 -14.75 29.29 6.26
N PRO B 233 -15.70 29.85 7.04
CA PRO B 233 -16.61 29.09 7.91
C PRO B 233 -17.36 27.96 7.25
N PRO B 234 -17.31 26.76 7.84
CA PRO B 234 -18.01 25.59 7.30
C PRO B 234 -19.41 25.62 7.91
N ASP B 235 -20.28 24.72 7.50
CA ASP B 235 -21.62 24.69 8.08
C ASP B 235 -21.54 24.11 9.48
N GLU B 236 -20.50 23.32 9.72
CA GLU B 236 -20.34 22.69 11.01
C GLU B 236 -18.90 22.23 11.25
N VAL B 237 -18.49 22.24 12.51
CA VAL B 237 -17.16 21.80 12.89
C VAL B 237 -17.34 20.68 13.90
N LYS B 238 -16.75 19.52 13.61
CA LYS B 238 -16.84 18.39 14.52
C LYS B 238 -15.44 18.08 15.01
N GLU B 239 -15.37 17.36 16.12
CA GLU B 239 -14.09 17.07 16.72
C GLU B 239 -13.92 15.60 17.08
N ILE B 240 -12.71 15.09 16.91
CA ILE B 240 -12.43 13.71 17.27
C ILE B 240 -11.24 13.72 18.22
N GLU B 241 -11.56 13.47 19.49
CA GLU B 241 -10.57 13.46 20.55
C GLU B 241 -9.56 12.33 20.48
N GLY B 242 -8.32 12.65 20.86
CA GLY B 242 -7.25 11.68 20.88
C GLY B 242 -6.73 11.23 19.53
N SER B 243 -7.08 11.98 18.49
CA SER B 243 -6.64 11.64 17.14
C SER B 243 -5.39 12.38 16.71
N ASP B 244 -4.46 11.67 16.07
CA ASP B 244 -3.26 12.30 15.56
C ASP B 244 -3.67 12.77 14.15
N HIS B 245 -2.71 13.15 13.33
CA HIS B 245 -3.02 13.64 11.98
C HIS B 245 -3.83 12.65 11.12
N VAL B 246 -3.48 11.37 11.19
CA VAL B 246 -4.19 10.36 10.42
C VAL B 246 -5.31 9.70 11.24
N THR B 247 -6.41 10.42 11.37
CA THR B 247 -7.58 9.95 12.13
C THR B 247 -8.05 8.56 11.65
N MET B 248 -7.95 8.30 10.34
CA MET B 248 -8.40 7.02 9.81
C MET B 248 -7.56 5.85 10.33
N MET B 249 -6.42 6.18 10.94
CA MET B 249 -5.52 5.18 11.51
C MET B 249 -5.68 5.08 13.02
N SER B 250 -5.57 6.23 13.70
CA SER B 250 -5.66 6.27 15.16
C SER B 250 -7.05 6.22 15.77
N LYS B 251 -8.05 6.76 15.07
CA LYS B 251 -9.43 6.78 15.57
C LYS B 251 -10.41 6.38 14.46
N PRO B 252 -10.21 5.20 13.86
CA PRO B 252 -11.08 4.72 12.78
C PRO B 252 -12.56 4.54 13.08
N GLN B 253 -12.89 3.88 14.19
CA GLN B 253 -14.30 3.67 14.53
C GLN B 253 -15.04 4.99 14.74
N GLN B 254 -14.40 5.93 15.43
CA GLN B 254 -15.02 7.23 15.69
C GLN B 254 -15.21 8.03 14.40
N LEU B 255 -14.22 7.97 13.51
CA LEU B 255 -14.32 8.70 12.24
C LEU B 255 -15.48 8.11 11.43
N PHE B 256 -15.58 6.79 11.43
CA PHE B 256 -16.63 6.08 10.72
C PHE B 256 -18.01 6.53 11.22
N THR B 257 -18.21 6.45 12.54
CA THR B 257 -19.47 6.85 13.16
C THR B 257 -19.80 8.30 12.81
N THR B 258 -18.80 9.17 12.91
CA THR B 258 -18.97 10.59 12.61
C THR B 258 -19.37 10.77 11.14
N LEU B 259 -18.72 10.02 10.26
CA LEU B 259 -19.04 10.13 8.84
C LEU B 259 -20.47 9.68 8.57
N LEU B 260 -20.92 8.60 9.21
CA LEU B 260 -22.28 8.14 9.00
C LEU B 260 -23.27 9.21 9.47
N SER B 261 -22.97 9.81 10.62
CA SER B 261 -23.80 10.85 11.18
C SER B 261 -23.90 12.06 10.24
N ILE B 262 -22.75 12.43 9.66
CA ILE B 262 -22.71 13.57 8.74
C ILE B 262 -23.52 13.25 7.49
N ALA B 263 -23.41 12.02 7.00
CA ALA B 263 -24.12 11.60 5.81
C ALA B 263 -25.64 11.62 6.02
N ASN B 264 -26.08 11.19 7.20
CA ASN B 264 -27.49 11.17 7.50
C ASN B 264 -28.08 12.55 7.72
N LYS B 265 -27.29 13.43 8.32
CA LYS B 265 -27.72 14.79 8.59
C LYS B 265 -27.95 15.61 7.31
N TYR B 266 -27.04 15.48 6.35
CA TYR B 266 -27.13 16.24 5.11
C TYR B 266 -27.69 15.52 3.88
N LYS B 267 -28.17 14.30 4.03
CA LYS B 267 -28.71 13.59 2.88
C LYS B 267 -30.00 14.24 2.39
C1 DKA C . 0.87 -17.89 -5.81
C1 DKA C . 0.04 -17.22 -5.03
O1 DKA C . 1.81 -18.53 -5.34
O1 DKA C . -1.05 -17.76 -5.16
C2 DKA C . 0.65 -18.30 -7.24
C2 DKA C . 1.00 -17.72 -6.08
C3 DKA C . 0.85 -17.28 -8.32
C3 DKA C . 1.08 -16.96 -7.36
C4 DKA C . 1.43 -18.07 -9.44
C4 DKA C . 1.20 -17.99 -8.44
C5 DKA C . 1.67 -17.15 -10.59
C5 DKA C . 1.28 -17.26 -9.73
C6 DKA C . 0.67 -17.33 -11.69
C6 DKA C . 1.57 -18.16 -10.88
C7 DKA C . 1.25 -18.12 -12.85
C7 DKA C . 1.07 -17.54 -12.17
C8 DKA C . 2.10 -17.37 -13.85
C8 DKA C . 1.69 -18.04 -13.46
C9 DKA C . 3.59 -17.56 -13.66
C9 DKA C . 2.67 -17.07 -14.09
C10 DKA C . 4.27 -16.25 -13.41
C10 DKA C . 4.03 -17.16 -13.45
O2 DKA C . 0.21 -17.04 -5.18
O2 DKA C . 0.29 -16.37 -4.15
C1 DKA D . 0.01 16.35 5.15
O1 DKA D . 1.19 16.02 5.07
C2 DKA D . -0.13 17.84 5.02
C3 DKA D . -0.31 18.45 3.66
C4 DKA D . 1.01 19.15 3.39
C5 DKA D . 0.93 19.79 2.04
C6 DKA D . 2.28 20.26 1.55
C7 DKA D . 2.10 21.23 0.39
C8 DKA D . 3.22 21.29 -0.63
C9 DKA D . 2.82 21.96 -1.92
C10 DKA D . 3.55 23.27 -2.08
O2 DKA D . -0.91 15.54 5.31
#